data_6KFN
#
_entry.id   6KFN
#
_cell.length_a   125.635
_cell.length_b   57.764
_cell.length_c   39.714
_cell.angle_alpha   90.000
_cell.angle_beta   91.100
_cell.angle_gamma   90.000
#
_symmetry.space_group_name_H-M   'C 1 2 1'
#
loop_
_entity.id
_entity.type
_entity.pdbx_description
1 polymer 'alginate lyase'
2 non-polymer 'SODIUM ION'
3 non-polymer IMIDAZOLE
4 water water
#
_entity_poly.entity_id   1
_entity_poly.type   'polypeptide(L)'
_entity_poly.pdbx_seq_one_letter_code
;MATRTISCATASCLQSALKNAKPGDDIVLAEGVTFKGSFKAEASGTASQPITIRSAGSVNPAVLSGYSTGGGYSLYVTGD
YWNITGLKMTGALKGIMLDHANHVQMDGLEIYDIGDEGVHFRDGSSDNIIRNSHIYNTGLIEAGFGEGIYVGSDKGKWAT
YNKSADRNVISGVRIGPGVAAEHIDIKEGTVGTIVENSVFNGTGITGANYADSFIDVKGNDAVIRNNIGYRNGNSNIVDA
FQVHVQVAGWGQNATFTGNTVYLDQAAPYVVNAVGDATASAAGNQRYPAGNLYQGHVNALEHHHHHH
;
_entity_poly.pdbx_strand_id   A
#
loop_
_chem_comp.id
_chem_comp.type
_chem_comp.name
_chem_comp.formula
IMD non-polymer IMIDAZOLE 'C3 H5 N2 1'
NA non-polymer 'SODIUM ION' 'Na 1'
#
# COMPACT_ATOMS: atom_id res chain seq x y z
N ALA A 2 6.10 0.70 -27.38
CA ALA A 2 4.68 0.95 -27.19
C ALA A 2 3.96 0.82 -28.49
N THR A 3 2.68 0.49 -28.46
CA THR A 3 1.92 0.46 -29.70
C THR A 3 1.47 1.85 -30.12
N ARG A 4 1.19 2.71 -29.15
CA ARG A 4 0.70 4.07 -29.40
C ARG A 4 1.20 4.94 -28.27
N THR A 5 1.67 6.14 -28.58
CA THR A 5 2.12 7.11 -27.60
C THR A 5 1.15 8.26 -27.55
N ILE A 6 0.73 8.62 -26.35
CA ILE A 6 -0.15 9.75 -26.12
C ILE A 6 0.54 10.66 -25.12
N SER A 7 0.99 11.81 -25.57
CA SER A 7 1.76 12.73 -24.74
C SER A 7 0.81 13.80 -24.20
N CYS A 8 0.62 13.86 -22.91
CA CYS A 8 -0.35 14.80 -22.34
C CYS A 8 0.28 15.79 -21.39
N ALA A 9 -0.22 17.02 -21.46
CA ALA A 9 0.17 18.08 -20.53
C ALA A 9 -1.03 18.79 -19.90
N THR A 10 -2.25 18.27 -20.11
CA THR A 10 -3.44 18.78 -19.46
C THR A 10 -4.28 17.61 -18.94
N ALA A 11 -5.09 17.96 -17.96
CA ALA A 11 -6.06 17.01 -17.41
C ALA A 11 -7.04 16.52 -18.45
N SER A 12 -7.45 17.39 -19.36
CA SER A 12 -8.38 16.96 -20.39
CA SER A 12 -8.39 16.95 -20.39
CA SER A 12 -8.38 16.96 -20.40
C SER A 12 -7.73 15.92 -21.31
N CYS A 13 -6.46 16.12 -21.67
CA CYS A 13 -5.74 15.14 -22.47
C CYS A 13 -5.68 13.80 -21.74
N LEU A 14 -5.35 13.83 -20.45
CA LEU A 14 -5.24 12.59 -19.69
C LEU A 14 -6.59 11.89 -19.58
N GLN A 15 -7.65 12.65 -19.28
CA GLN A 15 -8.97 12.06 -19.19
C GLN A 15 -9.33 11.35 -20.49
N SER A 16 -9.08 12.01 -21.63
CA SER A 16 -9.41 11.41 -22.92
CA SER A 16 -9.42 11.38 -22.89
C SER A 16 -8.56 10.17 -23.16
N ALA A 17 -7.27 10.25 -22.83
CA ALA A 17 -6.37 9.12 -23.05
C ALA A 17 -6.80 7.92 -22.22
N LEU A 18 -7.25 8.15 -21.01
CA LEU A 18 -7.75 7.05 -20.18
C LEU A 18 -9.04 6.48 -20.76
N LYS A 19 -9.97 7.33 -21.16
CA LYS A 19 -11.25 6.87 -21.70
C LYS A 19 -11.03 5.99 -22.93
N ASN A 20 -10.05 6.35 -23.75
CA ASN A 20 -9.74 5.68 -25.01
C ASN A 20 -8.56 4.73 -24.89
N ALA A 21 -8.21 4.31 -23.67
CA ALA A 21 -7.02 3.51 -23.48
C ALA A 21 -7.18 2.14 -24.13
N LYS A 22 -6.09 1.68 -24.75
CA LYS A 22 -5.99 0.41 -25.43
CA LYS A 22 -5.99 0.41 -25.43
C LYS A 22 -4.73 -0.32 -24.99
N PRO A 23 -4.73 -1.66 -25.03
CA PRO A 23 -3.50 -2.41 -24.80
C PRO A 23 -2.34 -1.83 -25.60
N GLY A 24 -1.18 -1.65 -24.95
CA GLY A 24 0.01 -1.13 -25.60
C GLY A 24 0.12 0.39 -25.61
N ASP A 25 -0.88 1.09 -25.10
CA ASP A 25 -0.76 2.54 -25.03
C ASP A 25 0.32 2.94 -24.03
N ASP A 26 1.01 4.05 -24.34
CA ASP A 26 2.00 4.70 -23.46
C ASP A 26 1.52 6.13 -23.29
N ILE A 27 0.91 6.40 -22.14
CA ILE A 27 0.37 7.71 -21.80
C ILE A 27 1.45 8.42 -20.98
N VAL A 28 2.05 9.46 -21.60
CA VAL A 28 3.28 10.07 -21.11
C VAL A 28 2.96 11.48 -20.65
N LEU A 29 3.07 11.72 -19.34
CA LEU A 29 2.63 12.96 -18.72
C LEU A 29 3.78 13.93 -18.51
N ALA A 30 3.58 15.18 -18.93
CA ALA A 30 4.63 16.18 -18.93
C ALA A 30 5.16 16.46 -17.52
N GLU A 31 6.48 16.57 -17.41
CA GLU A 31 7.11 16.96 -16.15
C GLU A 31 6.63 18.33 -15.70
N GLY A 32 6.49 18.50 -14.40
CA GLY A 32 6.16 19.80 -13.85
C GLY A 32 4.70 20.12 -13.86
N VAL A 33 3.86 19.28 -14.47
CA VAL A 33 2.46 19.57 -14.58
C VAL A 33 1.72 18.84 -13.48
N THR A 34 0.74 19.53 -12.89
CA THR A 34 -0.24 18.94 -12.00
C THR A 34 -1.54 18.73 -12.79
N PHE A 35 -1.96 17.49 -12.85
CA PHE A 35 -3.18 17.05 -13.52
C PHE A 35 -4.24 16.87 -12.44
N LYS A 36 -5.25 17.74 -12.41
CA LYS A 36 -6.26 17.69 -11.38
C LYS A 36 -7.51 16.99 -11.90
N GLY A 37 -7.93 15.98 -11.16
CA GLY A 37 -9.06 15.18 -11.56
C GLY A 37 -9.17 13.98 -10.63
N SER A 38 -10.22 13.21 -10.94
CA SER A 38 -10.43 11.90 -10.36
C SER A 38 -10.27 10.90 -11.50
N PHE A 39 -9.05 10.48 -11.76
CA PHE A 39 -8.75 9.76 -13.01
C PHE A 39 -9.05 8.27 -12.88
N LYS A 40 -9.60 7.68 -13.96
CA LYS A 40 -10.13 6.33 -13.98
C LYS A 40 -9.44 5.48 -15.05
N ALA A 41 -8.70 4.48 -14.60
CA ALA A 41 -8.00 3.54 -15.46
C ALA A 41 -8.86 2.25 -15.52
N GLU A 42 -9.72 2.18 -16.54
CA GLU A 42 -10.79 1.17 -16.62
C GLU A 42 -10.48 0.03 -17.59
N ALA A 43 -9.82 0.30 -18.68
CA ALA A 43 -9.52 -0.68 -19.70
C ALA A 43 -8.51 -1.70 -19.15
N SER A 44 -8.33 -2.81 -19.86
CA SER A 44 -7.34 -3.79 -19.50
C SER A 44 -6.31 -3.96 -20.60
N GLY A 45 -5.06 -4.04 -20.19
CA GLY A 45 -3.99 -4.52 -21.03
C GLY A 45 -3.84 -6.04 -20.91
N THR A 46 -2.71 -6.51 -21.38
CA THR A 46 -2.26 -7.90 -21.22
C THR A 46 -0.80 -7.86 -20.79
N ALA A 47 -0.23 -9.01 -20.45
CA ALA A 47 1.19 -9.05 -20.13
C ALA A 47 2.03 -8.57 -21.30
N SER A 48 1.62 -8.95 -22.51
CA SER A 48 2.39 -8.58 -23.71
C SER A 48 2.10 -7.15 -24.17
N GLN A 49 0.94 -6.62 -23.80
CA GLN A 49 0.45 -5.31 -24.21
CA GLN A 49 0.56 -5.26 -24.17
C GLN A 49 -0.06 -4.56 -22.98
N PRO A 50 0.79 -4.20 -22.02
CA PRO A 50 0.28 -3.46 -20.85
C PRO A 50 -0.15 -2.07 -21.30
N ILE A 51 -0.91 -1.40 -20.43
CA ILE A 51 -1.28 0.00 -20.62
C ILE A 51 -0.44 0.80 -19.62
N THR A 52 0.31 1.79 -20.09
CA THR A 52 1.22 2.54 -19.23
C THR A 52 0.74 3.97 -19.04
N ILE A 53 0.81 4.44 -17.79
CA ILE A 53 0.75 5.86 -17.47
CA ILE A 53 0.73 5.88 -17.44
C ILE A 53 2.04 6.20 -16.73
N ARG A 54 2.79 7.17 -17.24
CA ARG A 54 4.09 7.46 -16.67
C ARG A 54 4.41 8.92 -16.81
N SER A 55 5.35 9.37 -16.00
CA SER A 55 5.92 10.68 -16.15
CA SER A 55 5.92 10.68 -16.20
C SER A 55 6.93 10.64 -17.31
N ALA A 56 7.00 11.78 -18.01
CA ALA A 56 7.96 11.91 -19.11
C ALA A 56 9.39 11.86 -18.59
N GLY A 57 9.63 12.26 -17.35
CA GLY A 57 10.96 12.18 -16.77
C GLY A 57 10.86 12.26 -15.26
N SER A 58 12.00 12.11 -14.59
CA SER A 58 12.04 12.02 -13.14
C SER A 58 12.58 13.25 -12.45
N VAL A 59 13.00 14.27 -13.20
CA VAL A 59 13.52 15.47 -12.53
C VAL A 59 12.40 16.17 -11.78
N ASN A 60 11.23 16.29 -12.41
CA ASN A 60 10.10 17.00 -11.82
C ASN A 60 8.88 16.18 -12.20
N PRO A 61 8.64 15.05 -11.52
CA PRO A 61 7.57 14.13 -11.95
C PRO A 61 6.23 14.82 -12.11
N ALA A 62 5.45 14.36 -13.09
CA ALA A 62 4.06 14.73 -13.18
C ALA A 62 3.31 14.34 -11.91
N VAL A 63 2.29 15.13 -11.59
CA VAL A 63 1.48 14.97 -10.39
C VAL A 63 0.04 14.73 -10.78
N LEU A 64 -0.56 13.66 -10.23
CA LEU A 64 -2.00 13.46 -10.28
C LEU A 64 -2.58 13.94 -8.95
N SER A 65 -3.37 15.03 -9.01
CA SER A 65 -4.00 15.58 -7.82
C SER A 65 -5.50 15.42 -7.87
N GLY A 66 -6.13 15.04 -6.75
CA GLY A 66 -7.57 15.21 -6.65
C GLY A 66 -7.93 16.67 -6.41
N TYR A 67 -9.22 16.88 -6.20
CA TYR A 67 -9.76 18.21 -5.92
C TYR A 67 -9.71 18.60 -4.47
N SER A 68 -9.73 17.63 -3.56
CA SER A 68 -9.78 17.89 -2.13
C SER A 68 -9.33 16.63 -1.41
N THR A 69 -8.59 16.79 -0.30
CA THR A 69 -8.23 15.61 0.48
C THR A 69 -9.45 14.94 1.06
N GLY A 70 -10.62 15.60 1.11
CA GLY A 70 -11.80 14.98 1.65
C GLY A 70 -12.63 14.14 0.72
N GLY A 71 -12.25 14.01 -0.54
CA GLY A 71 -13.03 13.22 -1.47
C GLY A 71 -12.22 12.61 -2.59
N GLY A 72 -12.84 11.64 -3.26
CA GLY A 72 -12.27 11.11 -4.47
C GLY A 72 -10.98 10.34 -4.26
N TYR A 73 -10.19 10.32 -5.30
CA TYR A 73 -8.97 9.53 -5.37
C TYR A 73 -8.06 10.23 -6.35
N SER A 74 -6.77 9.96 -6.25
CA SER A 74 -5.90 10.44 -7.28
CA SER A 74 -5.89 10.45 -7.28
C SER A 74 -6.03 9.59 -8.55
N LEU A 75 -6.11 8.27 -8.38
CA LEU A 75 -6.24 7.34 -9.48
C LEU A 75 -7.04 6.14 -9.00
N TYR A 76 -8.03 5.74 -9.81
CA TYR A 76 -8.90 4.58 -9.52
C TYR A 76 -8.68 3.59 -10.65
N VAL A 77 -8.12 2.42 -10.34
CA VAL A 77 -7.76 1.40 -11.32
C VAL A 77 -8.74 0.25 -11.17
N THR A 78 -9.44 -0.08 -12.27
CA THR A 78 -10.42 -1.15 -12.31
C THR A 78 -10.15 -2.14 -13.43
N GLY A 79 -9.07 -1.97 -14.18
CA GLY A 79 -8.67 -2.90 -15.21
C GLY A 79 -7.34 -3.54 -14.85
N ASP A 80 -6.95 -4.48 -15.71
CA ASP A 80 -5.76 -5.28 -15.48
C ASP A 80 -4.57 -4.79 -16.32
N TYR A 81 -3.36 -5.13 -15.88
CA TYR A 81 -2.16 -4.94 -16.70
C TYR A 81 -1.94 -3.47 -17.05
N TRP A 82 -1.97 -2.63 -16.01
CA TRP A 82 -1.47 -1.28 -16.07
C TRP A 82 -0.08 -1.22 -15.44
N ASN A 83 0.81 -0.45 -16.07
CA ASN A 83 2.08 -0.02 -15.48
C ASN A 83 1.96 1.47 -15.18
N ILE A 84 2.03 1.79 -13.89
CA ILE A 84 1.88 3.15 -13.38
CA ILE A 84 1.87 3.15 -13.37
C ILE A 84 3.22 3.54 -12.80
N THR A 85 3.92 4.49 -13.46
CA THR A 85 5.36 4.63 -13.25
C THR A 85 5.75 6.09 -13.07
N GLY A 86 6.51 6.37 -12.02
CA GLY A 86 7.19 7.64 -11.92
C GLY A 86 6.34 8.83 -11.62
N LEU A 87 5.16 8.66 -11.09
CA LEU A 87 4.21 9.72 -10.84
C LEU A 87 4.11 10.05 -9.35
N LYS A 88 3.72 11.29 -9.10
CA LYS A 88 3.26 11.72 -7.79
C LYS A 88 1.74 11.66 -7.76
N MET A 89 1.18 11.31 -6.60
CA MET A 89 -0.26 11.28 -6.39
CA MET A 89 -0.25 11.33 -6.40
C MET A 89 -0.56 11.98 -5.07
N THR A 90 -1.49 12.91 -5.09
CA THR A 90 -1.77 13.71 -3.92
C THR A 90 -3.19 14.24 -3.93
N GLY A 91 -3.56 14.85 -2.80
CA GLY A 91 -4.69 15.76 -2.84
C GLY A 91 -6.06 15.13 -2.99
N ALA A 92 -6.25 13.97 -2.42
CA ALA A 92 -7.50 13.22 -2.52
C ALA A 92 -7.69 12.42 -1.26
N LEU A 93 -8.88 11.86 -1.12
CA LEU A 93 -9.22 11.02 0.03
C LEU A 93 -8.45 9.71 0.05
N LYS A 94 -8.22 9.15 -1.14
CA LYS A 94 -7.37 7.99 -1.31
C LYS A 94 -6.36 8.30 -2.39
N GLY A 95 -5.16 7.71 -2.32
CA GLY A 95 -4.18 7.92 -3.34
C GLY A 95 -4.51 7.10 -4.59
N ILE A 96 -4.25 5.79 -4.49
CA ILE A 96 -4.59 4.85 -5.55
C ILE A 96 -5.51 3.80 -4.96
N MET A 97 -6.68 3.66 -5.57
CA MET A 97 -7.63 2.61 -5.23
C MET A 97 -7.67 1.64 -6.40
N LEU A 98 -7.51 0.35 -6.11
CA LEU A 98 -7.66 -0.72 -7.11
CA LEU A 98 -7.64 -0.73 -7.10
C LEU A 98 -8.87 -1.54 -6.73
N ASP A 99 -9.82 -1.66 -7.66
CA ASP A 99 -10.99 -2.54 -7.51
C ASP A 99 -10.94 -3.57 -8.63
N HIS A 100 -10.94 -4.85 -8.25
CA HIS A 100 -10.89 -5.95 -9.21
C HIS A 100 -9.87 -5.72 -10.32
N ALA A 101 -8.71 -5.25 -9.92
CA ALA A 101 -7.60 -4.93 -10.82
C ALA A 101 -6.45 -5.89 -10.53
N ASN A 102 -5.85 -6.42 -11.59
CA ASN A 102 -4.91 -7.51 -11.45
C ASN A 102 -3.68 -7.25 -12.32
N HIS A 103 -2.53 -7.72 -11.87
CA HIS A 103 -1.29 -7.59 -12.62
C HIS A 103 -0.95 -6.12 -12.93
N VAL A 104 -1.27 -5.24 -11.98
CA VAL A 104 -0.88 -3.83 -12.05
C VAL A 104 0.48 -3.69 -11.40
N GLN A 105 1.38 -2.96 -12.06
CA GLN A 105 2.71 -2.67 -11.54
C GLN A 105 2.84 -1.17 -11.28
N MET A 106 2.98 -0.82 -10.02
CA MET A 106 3.20 0.54 -9.57
C MET A 106 4.69 0.68 -9.19
N ASP A 107 5.39 1.65 -9.78
CA ASP A 107 6.83 1.72 -9.62
C ASP A 107 7.26 3.19 -9.61
N GLY A 108 8.06 3.59 -8.63
CA GLY A 108 8.62 4.94 -8.65
C GLY A 108 7.60 5.99 -8.28
N LEU A 109 6.60 5.66 -7.47
CA LEU A 109 5.56 6.58 -7.11
C LEU A 109 5.88 7.31 -5.81
N GLU A 110 5.32 8.51 -5.70
CA GLU A 110 5.38 9.31 -4.48
C GLU A 110 3.95 9.72 -4.17
N ILE A 111 3.40 9.18 -3.07
CA ILE A 111 1.97 9.30 -2.75
C ILE A 111 1.88 9.98 -1.39
N TYR A 112 1.22 11.13 -1.33
CA TYR A 112 1.30 11.93 -0.11
C TYR A 112 0.16 12.92 -0.02
N ASP A 113 -0.08 13.36 1.21
CA ASP A 113 -1.12 14.34 1.53
C ASP A 113 -2.50 13.81 1.09
N ILE A 114 -2.85 12.69 1.73
CA ILE A 114 -4.02 11.89 1.43
C ILE A 114 -4.94 11.91 2.65
N GLY A 115 -6.24 12.05 2.41
CA GLY A 115 -7.18 12.14 3.53
C GLY A 115 -7.28 10.87 4.38
N ASP A 116 -7.42 9.72 3.70
CA ASP A 116 -7.48 8.40 4.32
C ASP A 116 -6.23 7.63 3.87
N GLU A 117 -6.41 6.50 3.16
CA GLU A 117 -5.31 5.57 2.93
C GLU A 117 -4.60 5.83 1.60
N GLY A 118 -3.29 5.55 1.59
CA GLY A 118 -2.47 5.82 0.43
C GLY A 118 -2.81 4.95 -0.76
N VAL A 119 -2.72 3.64 -0.58
CA VAL A 119 -2.95 2.65 -1.63
C VAL A 119 -3.86 1.59 -1.06
N HIS A 120 -4.88 1.19 -1.80
CA HIS A 120 -5.82 0.17 -1.33
C HIS A 120 -6.07 -0.85 -2.45
N PHE A 121 -5.71 -2.11 -2.18
CA PHE A 121 -6.03 -3.23 -3.08
C PHE A 121 -7.37 -3.80 -2.63
N ARG A 122 -8.41 -3.66 -3.45
CA ARG A 122 -9.77 -3.98 -3.00
C ARG A 122 -10.49 -4.85 -4.02
N ASP A 123 -11.55 -5.51 -3.54
CA ASP A 123 -12.50 -6.19 -4.42
C ASP A 123 -11.78 -7.17 -5.35
N GLY A 124 -10.99 -8.05 -4.73
CA GLY A 124 -10.36 -9.14 -5.48
C GLY A 124 -9.09 -8.76 -6.22
N SER A 125 -8.61 -7.53 -6.08
CA SER A 125 -7.41 -7.10 -6.80
C SER A 125 -6.22 -7.93 -6.38
N SER A 126 -5.62 -8.66 -7.33
CA SER A 126 -4.63 -9.68 -7.04
C SER A 126 -3.45 -9.59 -7.99
N ASP A 127 -2.33 -10.18 -7.55
CA ASP A 127 -1.15 -10.32 -8.39
C ASP A 127 -0.62 -8.96 -8.84
N ASN A 128 -0.75 -7.95 -7.97
CA ASN A 128 -0.23 -6.61 -8.23
C ASN A 128 1.07 -6.41 -7.48
N ILE A 129 1.80 -5.37 -7.86
CA ILE A 129 3.02 -4.99 -7.13
C ILE A 129 3.08 -3.47 -7.02
N ILE A 130 3.50 -3.01 -5.87
CA ILE A 130 4.00 -1.65 -5.69
C ILE A 130 5.44 -1.75 -5.23
N ARG A 131 6.33 -1.09 -5.97
CA ARG A 131 7.75 -1.15 -5.70
C ARG A 131 8.38 0.22 -5.81
N ASN A 132 9.49 0.39 -5.12
CA ASN A 132 10.36 1.55 -5.32
C ASN A 132 9.57 2.86 -5.23
N SER A 133 8.75 2.97 -4.17
CA SER A 133 7.82 4.06 -4.01
C SER A 133 7.89 4.59 -2.58
N HIS A 134 7.37 5.79 -2.36
CA HIS A 134 7.33 6.42 -1.04
C HIS A 134 5.92 6.90 -0.80
N ILE A 135 5.33 6.46 0.33
CA ILE A 135 4.02 6.85 0.77
C ILE A 135 4.19 7.57 2.11
N TYR A 136 3.65 8.79 2.23
CA TYR A 136 3.79 9.54 3.47
C TYR A 136 2.61 10.48 3.59
N ASN A 137 2.40 11.03 4.81
CA ASN A 137 1.36 12.04 5.04
C ASN A 137 -0.01 11.54 4.57
N THR A 138 -0.49 10.50 5.25
CA THR A 138 -1.82 9.92 5.04
C THR A 138 -2.66 10.11 6.29
N GLY A 139 -3.97 9.90 6.20
CA GLY A 139 -4.83 10.11 7.33
C GLY A 139 -5.03 11.55 7.72
N LEU A 140 -4.92 12.48 6.76
CA LEU A 140 -5.12 13.90 7.03
CA LEU A 140 -5.12 13.90 7.04
C LEU A 140 -6.56 14.23 7.38
N ILE A 141 -7.51 13.41 6.96
CA ILE A 141 -8.92 13.61 7.23
C ILE A 141 -9.41 12.66 8.31
N GLU A 142 -9.04 11.38 8.23
CA GLU A 142 -9.37 10.42 9.27
C GLU A 142 -8.14 9.61 9.61
N ALA A 143 -7.54 9.89 10.77
CA ALA A 143 -6.32 9.22 11.16
C ALA A 143 -6.49 7.71 11.20
N GLY A 144 -7.64 7.26 11.70
CA GLY A 144 -7.87 5.84 11.83
C GLY A 144 -8.12 5.11 10.52
N PHE A 145 -8.30 5.86 9.45
CA PHE A 145 -8.37 5.34 8.07
C PHE A 145 -7.13 5.74 7.28
N GLY A 146 -6.02 6.05 7.98
CA GLY A 146 -4.84 6.62 7.37
C GLY A 146 -3.73 5.63 7.10
N GLU A 147 -4.06 4.43 6.67
CA GLU A 147 -3.03 3.43 6.40
C GLU A 147 -2.18 3.86 5.21
N GLY A 148 -0.93 3.43 5.22
CA GLY A 148 -0.10 3.61 4.03
C GLY A 148 -0.60 2.77 2.86
N ILE A 149 -0.65 1.46 3.11
CA ILE A 149 -1.12 0.47 2.16
C ILE A 149 -2.15 -0.42 2.91
N TYR A 150 -3.28 -0.62 2.26
CA TYR A 150 -4.43 -1.32 2.83
C TYR A 150 -4.75 -2.46 1.85
N VAL A 151 -4.67 -3.71 2.33
CA VAL A 151 -4.82 -4.87 1.45
C VAL A 151 -6.10 -5.59 1.82
N GLY A 152 -7.10 -5.59 0.93
CA GLY A 152 -8.36 -6.26 1.14
C GLY A 152 -9.39 -5.42 1.85
N SER A 153 -10.32 -6.14 2.50
CA SER A 153 -11.45 -5.54 3.16
C SER A 153 -11.69 -6.18 4.51
N ASP A 154 -12.11 -5.37 5.48
CA ASP A 154 -12.61 -5.87 6.76
CA ASP A 154 -12.53 -5.95 6.74
C ASP A 154 -13.78 -6.83 6.54
N LYS A 155 -13.95 -7.76 7.47
CA LYS A 155 -15.04 -8.75 7.39
CA LYS A 155 -15.03 -8.75 7.40
C LYS A 155 -16.40 -8.13 7.20
N GLY A 156 -16.65 -6.95 7.76
CA GLY A 156 -17.95 -6.32 7.59
C GLY A 156 -18.26 -5.91 6.17
N LYS A 157 -17.26 -5.89 5.29
CA LYS A 157 -17.44 -5.56 3.89
CA LYS A 157 -17.41 -5.56 3.89
C LYS A 157 -17.25 -6.76 2.96
N TRP A 158 -17.07 -7.98 3.48
CA TRP A 158 -16.91 -9.11 2.57
C TRP A 158 -18.14 -9.37 1.70
N ALA A 159 -19.33 -8.99 2.17
CA ALA A 159 -20.53 -9.12 1.35
C ALA A 159 -20.59 -8.06 0.25
N THR A 160 -19.77 -7.02 0.33
CA THR A 160 -19.75 -5.91 -0.60
C THR A 160 -18.62 -6.02 -1.62
N TYR A 161 -17.42 -6.33 -1.14
CA TYR A 161 -16.20 -6.41 -1.94
C TYR A 161 -15.59 -7.81 -1.78
N ASN A 162 -15.07 -8.35 -2.88
CA ASN A 162 -14.38 -9.63 -2.82
C ASN A 162 -13.17 -9.52 -1.91
N LYS A 163 -13.13 -10.35 -0.88
CA LYS A 163 -12.07 -10.31 0.12
CA LYS A 163 -12.08 -10.30 0.12
C LYS A 163 -10.73 -10.76 -0.42
N SER A 164 -10.72 -11.49 -1.54
CA SER A 164 -9.52 -12.19 -2.01
C SER A 164 -8.63 -11.27 -2.85
N ALA A 165 -8.11 -10.23 -2.21
CA ALA A 165 -7.09 -9.36 -2.80
C ALA A 165 -5.75 -10.01 -2.49
N ASP A 166 -5.35 -10.95 -3.37
CA ASP A 166 -4.37 -11.96 -3.06
C ASP A 166 -3.06 -11.78 -3.83
N ARG A 167 -1.98 -12.27 -3.21
CA ARG A 167 -0.68 -12.33 -3.86
C ARG A 167 -0.17 -10.97 -4.30
N ASN A 168 -0.56 -9.92 -3.56
CA ASN A 168 -0.03 -8.59 -3.82
C ASN A 168 1.32 -8.43 -3.13
N VAL A 169 2.21 -7.72 -3.81
CA VAL A 169 3.59 -7.55 -3.40
C VAL A 169 3.89 -6.08 -3.15
N ILE A 170 4.54 -5.82 -2.03
CA ILE A 170 5.01 -4.52 -1.61
C ILE A 170 6.52 -4.66 -1.47
N SER A 171 7.31 -4.04 -2.36
CA SER A 171 8.73 -4.35 -2.47
C SER A 171 9.56 -3.09 -2.58
N GLY A 172 10.49 -2.85 -1.65
CA GLY A 172 11.34 -1.69 -1.77
C GLY A 172 10.59 -0.38 -1.61
N VAL A 173 9.61 -0.33 -0.72
CA VAL A 173 8.85 0.88 -0.50
CA VAL A 173 8.81 0.86 -0.48
C VAL A 173 9.25 1.52 0.82
N ARG A 174 9.19 2.82 0.85
CA ARG A 174 9.39 3.62 2.06
CA ARG A 174 9.37 3.61 2.06
C ARG A 174 8.01 4.12 2.47
N ILE A 175 7.64 3.88 3.72
CA ILE A 175 6.35 4.29 4.24
C ILE A 175 6.60 5.14 5.47
N GLY A 176 5.92 6.29 5.55
CA GLY A 176 6.16 7.26 6.59
C GLY A 176 7.14 8.30 6.15
N PRO A 177 7.33 9.35 6.92
CA PRO A 177 6.60 9.67 8.16
C PRO A 177 5.18 10.17 7.81
N GLY A 178 4.43 10.52 8.87
CA GLY A 178 3.13 11.11 8.67
C GLY A 178 2.05 10.18 8.19
N VAL A 179 2.31 8.87 8.23
CA VAL A 179 1.28 7.87 7.97
C VAL A 179 0.60 7.60 9.29
N ALA A 180 -0.70 7.95 9.36
CA ALA A 180 -1.39 8.04 10.64
C ALA A 180 -1.81 6.68 11.20
N ALA A 181 -2.12 5.71 10.35
CA ALA A 181 -2.49 4.38 10.80
C ALA A 181 -1.33 3.43 10.50
N GLU A 182 -1.61 2.12 10.42
CA GLU A 182 -0.51 1.23 10.11
C GLU A 182 0.12 1.62 8.78
N HIS A 183 1.42 1.38 8.67
CA HIS A 183 2.06 1.47 7.36
CA HIS A 183 2.07 1.47 7.37
C HIS A 183 1.45 0.49 6.39
N ILE A 184 1.19 -0.74 6.83
CA ILE A 184 0.56 -1.75 6.01
C ILE A 184 -0.46 -2.49 6.89
N ASP A 185 -1.71 -2.53 6.41
CA ASP A 185 -2.80 -3.25 7.09
C ASP A 185 -3.26 -4.32 6.14
N ILE A 186 -2.98 -5.59 6.48
CA ILE A 186 -3.28 -6.74 5.62
C ILE A 186 -4.55 -7.37 6.17
N LYS A 187 -5.67 -7.25 5.46
CA LYS A 187 -6.94 -7.67 6.01
C LYS A 187 -7.18 -9.16 5.95
N GLU A 188 -8.03 -9.59 6.89
CA GLU A 188 -8.65 -10.90 6.83
C GLU A 188 -9.24 -11.13 5.45
N GLY A 189 -9.09 -12.36 4.97
CA GLY A 189 -9.58 -12.78 3.66
C GLY A 189 -8.54 -12.76 2.56
N THR A 190 -7.46 -11.99 2.77
CA THR A 190 -6.36 -11.96 1.79
C THR A 190 -5.40 -13.10 2.04
N VAL A 191 -4.79 -13.56 0.97
CA VAL A 191 -3.81 -14.64 1.01
C VAL A 191 -2.56 -14.25 0.24
N GLY A 192 -1.39 -14.48 0.85
CA GLY A 192 -0.15 -14.43 0.11
C GLY A 192 0.48 -13.07 -0.07
N THR A 193 0.09 -12.09 0.73
CA THR A 193 0.69 -10.76 0.64
C THR A 193 2.16 -10.85 1.00
N ILE A 194 3.01 -10.19 0.21
CA ILE A 194 4.44 -10.11 0.46
CA ILE A 194 4.44 -10.11 0.45
C ILE A 194 4.80 -8.67 0.76
N VAL A 195 5.56 -8.45 1.86
CA VAL A 195 6.14 -7.16 2.17
C VAL A 195 7.64 -7.39 2.32
N GLU A 196 8.42 -6.80 1.42
CA GLU A 196 9.85 -7.10 1.42
CA GLU A 196 9.86 -7.11 1.40
C GLU A 196 10.66 -5.87 1.15
N ASN A 197 11.87 -5.84 1.71
CA ASN A 197 12.90 -4.86 1.38
C ASN A 197 12.43 -3.42 1.58
N SER A 198 11.54 -3.20 2.52
CA SER A 198 10.89 -1.92 2.72
C SER A 198 11.40 -1.26 4.01
N VAL A 199 11.09 0.03 4.14
CA VAL A 199 11.56 0.84 5.27
C VAL A 199 10.37 1.58 5.84
N PHE A 200 10.17 1.45 7.15
CA PHE A 200 9.05 2.03 7.87
C PHE A 200 9.55 3.13 8.79
N ASN A 201 9.16 4.37 8.51
CA ASN A 201 9.45 5.51 9.38
C ASN A 201 8.20 5.74 10.23
N GLY A 202 8.25 5.25 11.45
CA GLY A 202 7.09 5.25 12.33
C GLY A 202 6.64 6.59 12.87
N THR A 203 7.44 7.64 12.67
CA THR A 203 6.99 8.96 13.11
C THR A 203 5.64 9.27 12.47
N GLY A 204 4.69 9.68 13.28
CA GLY A 204 3.37 10.03 12.81
C GLY A 204 2.29 8.96 12.96
N ILE A 205 2.65 7.69 13.23
CA ILE A 205 1.59 6.71 13.54
C ILE A 205 0.87 7.23 14.79
N THR A 206 -0.45 7.27 14.75
CA THR A 206 -1.24 7.98 15.76
C THR A 206 -1.78 7.10 16.88
N GLY A 207 -1.93 5.78 16.68
CA GLY A 207 -2.68 4.97 17.60
C GLY A 207 -4.19 4.96 17.36
N ALA A 208 -4.70 5.77 16.43
CA ALA A 208 -6.14 5.84 16.22
C ALA A 208 -6.65 4.52 15.69
N ASN A 209 -7.85 4.13 16.12
CA ASN A 209 -8.50 2.96 15.48
C ASN A 209 -7.57 1.75 15.47
N TYR A 210 -6.93 1.56 16.65
CA TYR A 210 -6.06 0.40 16.96
C TYR A 210 -4.75 0.37 16.19
N ALA A 211 -4.42 1.42 15.52
CA ALA A 211 -3.29 1.44 14.61
C ALA A 211 -2.03 1.82 15.38
N ASP A 212 -1.33 0.79 15.85
CA ASP A 212 -0.28 0.97 16.85
C ASP A 212 0.91 0.04 16.55
N SER A 213 1.08 -0.30 15.28
CA SER A 213 2.21 -1.10 14.83
C SER A 213 2.53 -0.70 13.39
N PHE A 214 3.73 -1.07 12.91
CA PHE A 214 4.04 -0.84 11.50
C PHE A 214 3.10 -1.61 10.56
N ILE A 215 2.91 -2.90 10.90
CA ILE A 215 2.10 -3.79 10.10
C ILE A 215 1.14 -4.51 11.05
N ASP A 216 -0.11 -4.68 10.63
CA ASP A 216 -1.04 -5.60 11.25
C ASP A 216 -1.41 -6.63 10.20
N VAL A 217 -1.23 -7.91 10.54
CA VAL A 217 -1.48 -9.02 9.63
C VAL A 217 -2.73 -9.74 10.09
N LYS A 218 -3.78 -9.56 9.33
CA LYS A 218 -5.04 -10.29 9.56
CA LYS A 218 -5.04 -10.29 9.56
C LYS A 218 -5.38 -11.32 8.44
N GLY A 219 -4.64 -11.22 7.29
CA GLY A 219 -4.72 -12.21 6.23
C GLY A 219 -3.84 -13.42 6.53
N ASN A 220 -3.84 -14.34 5.57
CA ASN A 220 -3.10 -15.59 5.67
C ASN A 220 -1.91 -15.59 4.72
N ASP A 221 -0.92 -16.42 5.08
CA ASP A 221 0.23 -16.66 4.22
C ASP A 221 1.03 -15.40 3.91
N ALA A 222 0.98 -14.43 4.79
CA ALA A 222 1.75 -13.21 4.58
C ALA A 222 3.22 -13.51 4.79
N VAL A 223 4.08 -12.88 3.98
CA VAL A 223 5.52 -13.01 4.10
C VAL A 223 6.08 -11.61 4.28
N ILE A 224 6.67 -11.38 5.45
CA ILE A 224 7.20 -10.09 5.87
C ILE A 224 8.71 -10.31 6.00
N ARG A 225 9.48 -9.91 5.00
CA ARG A 225 10.88 -10.27 4.95
C ARG A 225 11.79 -9.09 4.62
N ASN A 226 12.90 -9.03 5.35
CA ASN A 226 14.01 -8.14 4.99
C ASN A 226 13.59 -6.67 5.00
N ASN A 227 12.76 -6.28 5.95
CA ASN A 227 12.32 -4.90 6.12
C ASN A 227 13.05 -4.27 7.31
N ILE A 228 13.05 -2.94 7.35
CA ILE A 228 13.61 -2.18 8.46
C ILE A 228 12.53 -1.26 8.99
N GLY A 229 12.31 -1.30 10.32
CA GLY A 229 11.35 -0.41 10.95
C GLY A 229 11.97 0.46 12.02
N TYR A 230 11.64 1.75 11.97
CA TYR A 230 12.12 2.74 12.93
C TYR A 230 10.94 3.26 13.73
N ARG A 231 10.90 2.95 15.01
CA ARG A 231 9.85 3.51 15.89
C ARG A 231 10.06 5.00 16.15
N ASN A 232 11.34 5.44 16.16
CA ASN A 232 11.68 6.85 16.31
C ASN A 232 11.10 7.46 17.59
N GLY A 233 11.01 6.65 18.65
CA GLY A 233 10.52 7.16 19.91
C GLY A 233 9.03 7.41 19.97
N ASN A 234 8.27 6.98 18.97
CA ASN A 234 6.84 7.25 18.91
C ASN A 234 6.09 6.27 19.84
N SER A 235 5.63 6.81 20.97
CA SER A 235 4.96 6.00 21.97
C SER A 235 3.62 5.43 21.52
N ASN A 236 3.07 5.95 20.42
CA ASN A 236 1.85 5.34 19.87
C ASN A 236 2.12 3.97 19.25
N ILE A 237 3.38 3.65 18.95
CA ILE A 237 3.75 2.34 18.39
C ILE A 237 4.05 1.42 19.56
N VAL A 238 3.20 0.41 19.73
CA VAL A 238 3.32 -0.51 20.84
CA VAL A 238 3.27 -0.53 20.83
C VAL A 238 4.05 -1.81 20.47
N ASP A 239 4.01 -2.22 19.21
CA ASP A 239 4.69 -3.40 18.69
C ASP A 239 5.17 -3.06 17.29
N ALA A 240 6.24 -3.74 16.83
CA ALA A 240 6.62 -3.58 15.42
C ALA A 240 5.54 -4.18 14.50
N PHE A 241 5.23 -5.46 14.72
CA PHE A 241 4.33 -6.21 13.86
C PHE A 241 3.33 -6.96 14.75
N GLN A 242 2.07 -6.98 14.31
CA GLN A 242 1.03 -7.73 14.98
C GLN A 242 0.37 -8.69 14.02
N VAL A 243 -0.22 -9.74 14.58
CA VAL A 243 -1.06 -10.68 13.85
C VAL A 243 -2.35 -10.83 14.66
N HIS A 244 -3.50 -10.74 14.01
CA HIS A 244 -4.80 -10.85 14.68
C HIS A 244 -5.71 -11.75 13.91
N VAL A 245 -6.65 -12.38 14.65
CA VAL A 245 -7.70 -13.22 14.08
C VAL A 245 -9.04 -12.48 14.15
N GLN A 246 -9.53 -12.01 13.01
CA GLN A 246 -10.82 -11.37 12.92
C GLN A 246 -11.94 -12.33 12.59
N VAL A 247 -11.60 -13.43 11.92
CA VAL A 247 -12.49 -14.50 11.49
C VAL A 247 -11.69 -15.77 11.71
N ALA A 248 -12.31 -16.81 12.29
CA ALA A 248 -11.55 -18.03 12.58
C ALA A 248 -10.81 -18.53 11.34
N GLY A 249 -9.58 -19.00 11.56
CA GLY A 249 -8.76 -19.52 10.48
C GLY A 249 -8.06 -18.48 9.66
N TRP A 250 -8.23 -17.19 10.00
CA TRP A 250 -7.48 -16.10 9.41
C TRP A 250 -6.45 -15.61 10.42
N GLY A 251 -5.54 -14.73 9.98
CA GLY A 251 -4.39 -14.39 10.81
C GLY A 251 -3.49 -15.58 11.03
N GLN A 252 -3.36 -16.43 10.00
CA GLN A 252 -2.63 -17.68 10.09
C GLN A 252 -1.43 -17.69 9.18
N ASN A 253 -0.39 -18.41 9.62
CA ASN A 253 0.78 -18.67 8.82
C ASN A 253 1.42 -17.39 8.30
N ALA A 254 1.58 -16.40 9.18
CA ALA A 254 2.37 -15.21 8.86
C ALA A 254 3.85 -15.54 9.08
N THR A 255 4.71 -15.18 8.17
CA THR A 255 6.13 -15.45 8.28
C THR A 255 6.89 -14.13 8.36
N PHE A 256 7.79 -14.02 9.35
CA PHE A 256 8.60 -12.83 9.57
C PHE A 256 10.06 -13.24 9.56
N THR A 257 10.80 -12.89 8.52
CA THR A 257 12.20 -13.28 8.45
C THR A 257 13.07 -12.09 8.08
N GLY A 258 14.24 -12.01 8.72
CA GLY A 258 15.26 -11.08 8.28
C GLY A 258 14.92 -9.61 8.47
N ASN A 259 13.99 -9.28 9.34
CA ASN A 259 13.61 -7.88 9.56
C ASN A 259 14.50 -7.30 10.67
N THR A 260 14.71 -6.00 10.64
CA THR A 260 15.43 -5.29 11.66
C THR A 260 14.55 -4.16 12.17
N VAL A 261 14.34 -4.10 13.47
CA VAL A 261 13.50 -3.10 14.06
C VAL A 261 14.19 -2.39 15.20
N TYR A 262 14.02 -1.06 15.20
CA TYR A 262 14.60 -0.15 16.18
C TYR A 262 13.46 0.37 17.01
N LEU A 263 13.29 -0.20 18.20
CA LEU A 263 12.11 -0.03 19.03
C LEU A 263 12.32 0.78 20.30
N ASP A 264 13.53 1.36 20.47
CA ASP A 264 13.86 2.35 21.48
C ASP A 264 14.02 1.81 22.90
N GLN A 265 13.06 1.03 23.36
CA GLN A 265 12.95 0.53 24.71
CA GLN A 265 12.97 0.53 24.71
C GLN A 265 12.67 -0.96 24.61
N ALA A 266 12.64 -1.63 25.77
CA ALA A 266 12.50 -3.09 25.79
C ALA A 266 11.05 -3.58 25.64
N ALA A 267 10.05 -2.75 25.84
CA ALA A 267 8.70 -3.27 25.92
C ALA A 267 8.06 -3.69 24.60
N PRO A 268 8.19 -2.96 23.49
CA PRO A 268 7.47 -3.39 22.28
C PRO A 268 7.91 -4.78 21.82
N TYR A 269 6.97 -5.58 21.31
CA TYR A 269 7.33 -6.84 20.71
C TYR A 269 7.71 -6.65 19.24
N VAL A 270 8.57 -7.56 18.75
CA VAL A 270 8.82 -7.65 17.33
C VAL A 270 7.61 -8.21 16.60
N VAL A 271 7.14 -9.40 17.06
CA VAL A 271 5.89 -9.98 16.56
C VAL A 271 5.00 -10.27 17.74
N ASN A 272 3.83 -9.63 17.77
CA ASN A 272 2.79 -9.89 18.78
C ASN A 272 1.63 -10.56 18.04
N ALA A 273 1.58 -11.89 18.12
CA ALA A 273 0.54 -12.68 17.47
C ALA A 273 -0.55 -12.93 18.51
N VAL A 274 -1.65 -12.21 18.37
CA VAL A 274 -2.67 -12.19 19.43
C VAL A 274 -3.62 -13.37 19.31
N GLY A 275 -3.90 -14.01 20.43
CA GLY A 275 -4.96 -15.00 20.49
C GLY A 275 -4.62 -16.26 19.74
N ASP A 276 -5.43 -16.60 18.74
CA ASP A 276 -5.24 -17.78 17.93
C ASP A 276 -4.36 -17.53 16.70
N ALA A 277 -3.84 -16.32 16.52
CA ALA A 277 -3.04 -16.03 15.34
C ALA A 277 -1.78 -16.89 15.34
N THR A 278 -1.29 -17.26 14.14
CA THR A 278 -0.07 -18.03 14.07
C THR A 278 0.96 -17.37 13.16
N ALA A 279 2.22 -17.49 13.58
CA ALA A 279 3.32 -16.94 12.84
C ALA A 279 4.54 -17.82 13.00
N SER A 280 5.49 -17.64 12.09
CA SER A 280 6.83 -18.18 12.16
CA SER A 280 6.83 -18.17 12.22
C SER A 280 7.80 -17.02 12.06
N ALA A 281 8.95 -17.14 12.70
CA ALA A 281 9.92 -16.06 12.72
C ALA A 281 11.33 -16.62 12.75
N ALA A 282 12.23 -15.97 12.02
CA ALA A 282 13.63 -16.32 12.05
C ALA A 282 14.46 -15.15 11.55
N GLY A 283 15.63 -14.96 12.16
CA GLY A 283 16.56 -14.00 11.63
C GLY A 283 16.17 -12.56 11.81
N ASN A 284 15.26 -12.25 12.70
CA ASN A 284 14.90 -10.87 12.98
C ASN A 284 15.83 -10.30 14.03
N GLN A 285 16.15 -9.03 13.90
CA GLN A 285 17.05 -8.31 14.79
CA GLN A 285 17.04 -8.33 14.80
C GLN A 285 16.29 -7.17 15.43
N ARG A 286 16.43 -7.09 16.75
CA ARG A 286 15.74 -6.06 17.56
C ARG A 286 16.79 -5.18 18.22
N TYR A 287 16.57 -3.88 18.23
CA TYR A 287 17.36 -2.93 18.97
C TYR A 287 16.42 -2.08 19.81
N PRO A 288 16.76 -1.77 21.07
CA PRO A 288 17.77 -2.42 21.88
C PRO A 288 17.31 -3.88 22.17
N ALA A 289 18.02 -4.55 23.08
CA ALA A 289 17.51 -5.81 23.58
C ALA A 289 16.13 -5.60 24.17
N GLY A 290 15.26 -6.61 24.02
CA GLY A 290 13.94 -6.48 24.60
C GLY A 290 13.01 -7.55 24.08
N ASN A 291 11.71 -7.29 24.21
CA ASN A 291 10.72 -8.30 23.90
C ASN A 291 10.74 -8.69 22.43
N LEU A 292 10.65 -10.00 22.20
CA LEU A 292 10.78 -10.58 20.88
CA LEU A 292 10.77 -10.55 20.85
C LEU A 292 9.41 -11.01 20.35
N TYR A 293 8.93 -12.16 20.80
CA TYR A 293 7.71 -12.75 20.28
C TYR A 293 6.71 -13.05 21.38
N GLN A 294 5.44 -12.83 21.05
CA GLN A 294 4.32 -13.19 21.91
C GLN A 294 3.29 -13.93 21.07
N GLY A 295 2.72 -14.97 21.65
CA GLY A 295 1.69 -15.76 21.02
C GLY A 295 2.24 -17.04 20.43
N HIS A 296 1.51 -17.53 19.43
CA HIS A 296 1.82 -18.79 18.74
C HIS A 296 2.83 -18.51 17.63
N VAL A 297 4.05 -18.22 18.06
CA VAL A 297 5.15 -17.89 17.15
C VAL A 297 6.16 -19.01 17.19
N ASN A 298 6.34 -19.67 16.04
CA ASN A 298 7.33 -20.71 15.87
C ASN A 298 8.62 -20.04 15.47
N ALA A 299 9.57 -20.02 16.40
CA ALA A 299 10.81 -19.28 16.24
C ALA A 299 11.92 -20.28 16.02
NA NA B . -6.13 -0.04 10.14
NA NA C . -2.98 -2.71 16.47
N1 IMD D . 10.21 10.87 20.04
C2 IMD D . 11.57 10.92 19.86
N3 IMD D . 12.19 10.70 21.07
C4 IMD D . 11.20 10.50 21.99
C5 IMD D . 9.99 10.62 21.31
HN1 IMD D . 9.53 11.00 19.35
H2 IMD D . 11.97 11.11 18.98
H4 IMD D . 11.30 10.32 22.94
H5 IMD D . 9.10 10.52 21.70
#